data_8OHG
#
_entry.id   8OHG
#
_cell.length_a   118.890
_cell.length_b   39.200
_cell.length_c   68.160
_cell.angle_alpha   90.000
_cell.angle_beta   95.360
_cell.angle_gamma   90.000
#
_symmetry.space_group_name_H-M   'C 1 2 1'
#
loop_
_entity.id
_entity.type
_entity.pdbx_description
1 polymer 'Cyclic di-AMP synthase CdaA'
2 non-polymer 4-pyridin-2-ylphenol
3 non-polymer 'MAGNESIUM ION'
4 water water
#
_entity_poly.entity_id   1
_entity_poly.type   'polypeptide(L)'
_entity_poly.pdbx_seq_one_letter_code
;GPTPVEEAQQKTIEAITKAINYMAKRRIGALLTIERDTGMGDYIETGIPLNAKVSSELLINIFIPNTPLHDGAVIMKNNE
IAAAACYLPLSESPFISKELGTRHRAAVGISEVTDSLTIIVSEETGGVSVAKNGDLHRELTEEALKEMLEAEFK
;
_entity_poly.pdbx_strand_id   A,B
#
loop_
_chem_comp.id
_chem_comp.type
_chem_comp.name
_chem_comp.formula
MG non-polymer 'MAGNESIUM ION' 'Mg 2'
UI4 non-polymer 4-pyridin-2-ylphenol 'C11 H9 N O'
#
# COMPACT_ATOMS: atom_id res chain seq x y z
N THR A 3 -17.05 -6.87 -22.15
CA THR A 3 -16.52 -5.58 -22.50
C THR A 3 -15.38 -5.17 -21.58
N PRO A 4 -14.63 -4.14 -21.99
CA PRO A 4 -13.57 -3.64 -21.10
C PRO A 4 -14.05 -3.25 -19.70
N VAL A 5 -15.21 -2.59 -19.66
CA VAL A 5 -15.75 -2.13 -18.37
C VAL A 5 -16.14 -3.35 -17.50
N GLU A 6 -16.68 -4.36 -18.15
CA GLU A 6 -17.11 -5.57 -17.46
C GLU A 6 -15.92 -6.44 -17.01
N GLU A 7 -14.92 -6.52 -17.88
CA GLU A 7 -13.71 -7.24 -17.53
C GLU A 7 -12.98 -6.59 -16.34
N ALA A 8 -13.05 -5.26 -16.28
CA ALA A 8 -12.42 -4.54 -15.20
C ALA A 8 -13.15 -4.74 -13.88
N GLN A 9 -14.49 -4.74 -13.91
CA GLN A 9 -15.25 -4.98 -12.69
C GLN A 9 -15.02 -6.36 -12.14
N GLN A 10 -14.96 -7.38 -13.00
CA GLN A 10 -14.71 -8.73 -12.50
C GLN A 10 -13.30 -8.87 -11.94
N LYS A 11 -12.31 -8.23 -12.58
CA LYS A 11 -10.95 -8.25 -12.03
C LYS A 11 -10.92 -7.65 -10.63
N THR A 12 -11.66 -6.55 -10.42
CA THR A 12 -11.68 -5.91 -9.11
C THR A 12 -12.39 -6.79 -8.07
N ILE A 13 -13.50 -7.41 -8.46
CA ILE A 13 -14.18 -8.33 -7.55
C ILE A 13 -13.24 -9.47 -7.17
N GLU A 14 -12.49 -10.01 -8.13
CA GLU A 14 -11.59 -11.12 -7.82
C GLU A 14 -10.47 -10.67 -6.89
N ALA A 15 -9.94 -9.46 -7.12
CA ALA A 15 -8.90 -8.95 -6.22
C ALA A 15 -9.43 -8.80 -4.80
N ILE A 16 -10.65 -8.26 -4.66
CA ILE A 16 -11.24 -8.07 -3.34
C ILE A 16 -11.45 -9.42 -2.65
N THR A 17 -12.07 -10.38 -3.34
CA THR A 17 -12.38 -11.65 -2.69
C THR A 17 -11.09 -12.39 -2.29
N LYS A 18 -10.04 -12.30 -3.10
CA LYS A 18 -8.78 -12.95 -2.73
C LYS A 18 -8.19 -12.30 -1.49
N ALA A 19 -8.22 -10.97 -1.41
CA ALA A 19 -7.69 -10.31 -0.21
C ALA A 19 -8.53 -10.64 1.01
N ILE A 20 -9.86 -10.62 0.88
CA ILE A 20 -10.72 -10.92 2.03
C ILE A 20 -10.48 -12.35 2.51
N ASN A 21 -10.35 -13.30 1.58
CA ASN A 21 -10.11 -14.69 1.97
C ASN A 21 -8.82 -14.82 2.76
N TYR A 22 -7.76 -14.13 2.32
N TYR A 22 -7.77 -14.12 2.34
CA TYR A 22 -6.47 -14.16 3.01
CA TYR A 22 -6.51 -14.24 3.06
C TYR A 22 -6.61 -13.63 4.43
C TYR A 22 -6.62 -13.64 4.46
N MET A 23 -7.28 -12.50 4.59
CA MET A 23 -7.43 -11.88 5.90
C MET A 23 -8.37 -12.69 6.79
N ALA A 24 -9.42 -13.28 6.22
CA ALA A 24 -10.30 -14.14 7.02
C ALA A 24 -9.51 -15.32 7.60
N LYS A 25 -8.68 -15.96 6.78
CA LYS A 25 -7.91 -17.12 7.24
C LYS A 25 -6.96 -16.76 8.37
N ARG A 26 -6.40 -15.55 8.34
N ARG A 26 -6.42 -15.55 8.35
CA ARG A 26 -5.43 -15.12 9.34
CA ARG A 26 -5.43 -15.12 9.34
C ARG A 26 -6.05 -14.25 10.43
C ARG A 26 -6.05 -14.23 10.41
N ARG A 27 -7.37 -14.03 10.38
CA ARG A 27 -8.06 -13.21 11.37
C ARG A 27 -7.45 -11.82 11.46
N ILE A 28 -7.22 -11.23 10.29
CA ILE A 28 -6.78 -9.86 10.16
C ILE A 28 -8.01 -8.97 10.02
N GLY A 29 -8.20 -8.07 10.97
CA GLY A 29 -9.33 -7.16 10.90
C GLY A 29 -9.22 -6.26 9.68
N ALA A 30 -10.36 -6.04 9.02
CA ALA A 30 -10.36 -5.21 7.83
C ALA A 30 -11.71 -4.52 7.66
N LEU A 31 -11.68 -3.37 6.99
CA LEU A 31 -12.85 -2.53 6.81
C LEU A 31 -12.69 -1.88 5.44
N LEU A 32 -13.54 -2.29 4.49
CA LEU A 32 -13.41 -1.90 3.09
C LEU A 32 -14.76 -1.43 2.58
N THR A 33 -14.87 -0.13 2.28
CA THR A 33 -16.11 0.47 1.83
C THR A 33 -16.00 0.80 0.34
N ILE A 34 -17.00 0.39 -0.43
CA ILE A 34 -17.08 0.67 -1.85
C ILE A 34 -18.13 1.76 -2.05
N GLU A 35 -17.67 2.94 -2.47
CA GLU A 35 -18.58 4.05 -2.76
C GLU A 35 -19.45 3.68 -3.95
N ARG A 36 -20.74 4.05 -3.86
CA ARG A 36 -21.69 3.81 -4.95
C ARG A 36 -22.22 5.17 -5.41
N ASP A 37 -23.53 5.39 -5.38
CA ASP A 37 -24.08 6.63 -5.92
C ASP A 37 -23.93 7.80 -4.96
N THR A 38 -23.99 7.54 -3.65
CA THR A 38 -23.79 8.59 -2.67
C THR A 38 -22.30 8.91 -2.56
N GLY A 39 -21.94 10.16 -2.82
CA GLY A 39 -20.55 10.55 -2.75
C GLY A 39 -20.02 10.48 -1.33
N MET A 40 -18.78 10.04 -1.19
CA MET A 40 -18.16 9.86 0.11
C MET A 40 -16.87 10.67 0.24
N GLY A 41 -16.78 11.77 -0.51
CA GLY A 41 -15.58 12.59 -0.48
C GLY A 41 -15.23 13.03 0.93
N ASP A 42 -16.22 13.38 1.73
CA ASP A 42 -15.95 13.88 3.08
C ASP A 42 -15.24 12.84 3.93
N TYR A 43 -15.53 11.55 3.70
CA TYR A 43 -14.87 10.49 4.45
C TYR A 43 -13.53 10.13 3.84
N ILE A 44 -13.45 10.12 2.50
CA ILE A 44 -12.18 9.86 1.84
C ILE A 44 -11.13 10.85 2.30
N GLU A 45 -11.52 12.10 2.53
CA GLU A 45 -10.57 13.14 2.88
C GLU A 45 -10.02 12.99 4.29
N THR A 46 -10.63 12.16 5.13
CA THR A 46 -10.08 11.94 6.46
C THR A 46 -8.92 10.96 6.46
N GLY A 47 -8.71 10.24 5.37
CA GLY A 47 -7.70 9.20 5.31
C GLY A 47 -6.42 9.64 4.63
N ILE A 48 -5.56 8.66 4.37
CA ILE A 48 -4.31 8.87 3.64
C ILE A 48 -4.61 8.68 2.15
N PRO A 49 -4.37 9.68 1.30
CA PRO A 49 -4.68 9.52 -0.13
C PRO A 49 -3.82 8.45 -0.77
N LEU A 50 -4.45 7.57 -1.54
CA LEU A 50 -3.72 6.60 -2.36
C LEU A 50 -4.02 6.75 -3.85
N ASN A 51 -5.31 6.76 -4.25
CA ASN A 51 -5.65 6.80 -5.67
C ASN A 51 -4.90 5.72 -6.43
N ALA A 52 -4.94 4.51 -5.87
CA ALA A 52 -4.12 3.39 -6.32
C ALA A 52 -4.94 2.36 -7.09
N LYS A 53 -4.27 1.69 -8.02
CA LYS A 53 -4.86 0.53 -8.68
C LYS A 53 -5.19 -0.53 -7.64
N VAL A 54 -6.30 -1.23 -7.84
CA VAL A 54 -6.66 -2.32 -6.95
C VAL A 54 -5.79 -3.53 -7.26
N SER A 55 -5.31 -4.18 -6.20
CA SER A 55 -4.74 -5.51 -6.31
C SER A 55 -5.02 -6.20 -4.98
N SER A 56 -5.11 -7.53 -5.01
CA SER A 56 -5.24 -8.24 -3.74
C SER A 56 -4.03 -7.97 -2.85
N GLU A 57 -2.85 -7.87 -3.47
CA GLU A 57 -1.62 -7.65 -2.72
C GLU A 57 -1.64 -6.33 -1.96
N LEU A 58 -2.04 -5.25 -2.62
CA LEU A 58 -2.08 -3.97 -1.93
C LEU A 58 -3.11 -3.97 -0.82
N LEU A 59 -4.29 -4.55 -1.07
CA LEU A 59 -5.30 -4.62 -0.03
C LEU A 59 -4.77 -5.36 1.19
N ILE A 60 -4.11 -6.50 0.97
CA ILE A 60 -3.54 -7.25 2.10
C ILE A 60 -2.50 -6.41 2.83
N ASN A 61 -1.57 -5.80 2.08
CA ASN A 61 -0.51 -5.01 2.73
C ASN A 61 -1.09 -3.86 3.54
N ILE A 62 -2.20 -3.29 3.11
CA ILE A 62 -2.77 -2.15 3.83
C ILE A 62 -3.20 -2.55 5.23
N PHE A 63 -3.82 -3.72 5.37
CA PHE A 63 -4.48 -4.10 6.62
C PHE A 63 -3.60 -4.89 7.58
N ILE A 64 -2.31 -5.06 7.28
CA ILE A 64 -1.49 -5.83 8.23
C ILE A 64 -1.51 -5.13 9.59
N PRO A 65 -1.71 -5.85 10.69
CA PRO A 65 -1.83 -5.18 11.98
C PRO A 65 -0.55 -4.43 12.36
N ASN A 66 -0.75 -3.37 13.14
CA ASN A 66 0.36 -2.58 13.71
C ASN A 66 1.20 -1.93 12.62
N THR A 67 0.54 -1.51 11.54
CA THR A 67 1.17 -0.76 10.47
C THR A 67 0.47 0.59 10.34
N PRO A 68 1.09 1.55 9.65
CA PRO A 68 0.48 2.89 9.55
C PRO A 68 -0.94 2.88 8.98
N LEU A 69 -1.24 2.02 8.01
CA LEU A 69 -2.47 2.14 7.24
C LEU A 69 -3.61 1.25 7.72
N HIS A 70 -3.39 0.39 8.71
CA HIS A 70 -4.37 -0.63 9.03
C HIS A 70 -5.55 -0.12 9.85
N ASP A 71 -5.45 1.07 10.44
CA ASP A 71 -6.42 1.54 11.42
C ASP A 71 -7.39 2.51 10.73
N GLY A 72 -8.58 2.01 10.41
CA GLY A 72 -9.57 2.77 9.68
C GLY A 72 -10.00 2.03 8.44
N ALA A 73 -10.80 2.71 7.62
CA ALA A 73 -11.39 2.09 6.46
C ALA A 73 -10.60 2.41 5.20
N VAL A 74 -10.48 1.43 4.33
CA VAL A 74 -10.18 1.66 2.92
C VAL A 74 -11.49 2.05 2.24
N ILE A 75 -11.45 3.09 1.41
CA ILE A 75 -12.58 3.49 0.59
C ILE A 75 -12.19 3.37 -0.87
N MET A 76 -12.97 2.59 -1.62
CA MET A 76 -12.79 2.43 -3.06
C MET A 76 -13.79 3.32 -3.79
N LYS A 77 -13.34 3.85 -4.92
CA LYS A 77 -14.14 4.76 -5.73
C LYS A 77 -13.63 4.63 -7.15
N ASN A 78 -14.55 4.46 -8.10
CA ASN A 78 -14.19 4.42 -9.52
C ASN A 78 -13.07 3.40 -9.80
N ASN A 79 -13.21 2.22 -9.19
CA ASN A 79 -12.34 1.08 -9.44
C ASN A 79 -10.91 1.31 -8.95
N GLU A 80 -10.72 2.22 -8.01
CA GLU A 80 -9.44 2.49 -7.42
C GLU A 80 -9.59 2.50 -5.90
N ILE A 81 -8.46 2.32 -5.22
CA ILE A 81 -8.39 2.55 -3.78
C ILE A 81 -8.15 4.04 -3.58
N ALA A 82 -9.20 4.76 -3.16
CA ALA A 82 -9.08 6.21 -3.03
C ALA A 82 -8.19 6.59 -1.85
N ALA A 83 -8.45 5.99 -0.69
CA ALA A 83 -7.71 6.34 0.52
C ALA A 83 -7.81 5.19 1.52
N ALA A 84 -6.86 5.16 2.45
CA ALA A 84 -6.84 4.20 3.53
C ALA A 84 -6.86 4.93 4.87
N ALA A 85 -7.13 4.19 5.94
CA ALA A 85 -7.16 4.74 7.29
C ALA A 85 -8.19 5.87 7.41
N CYS A 86 -9.35 5.67 6.79
CA CYS A 86 -10.39 6.68 6.78
C CYS A 86 -11.32 6.51 7.97
N TYR A 87 -11.88 7.64 8.41
CA TYR A 87 -12.92 7.64 9.42
C TYR A 87 -14.26 7.27 8.80
N LEU A 88 -15.02 6.44 9.50
CA LEU A 88 -16.41 6.19 9.18
C LEU A 88 -17.23 6.43 10.44
N PRO A 89 -18.47 6.88 10.30
CA PRO A 89 -19.28 7.17 11.50
C PRO A 89 -19.74 5.89 12.17
N LEU A 90 -19.74 5.89 13.50
CA LEU A 90 -20.17 4.73 14.25
C LEU A 90 -21.68 4.69 14.36
N SER A 91 -22.26 3.54 14.04
CA SER A 91 -23.69 3.35 14.21
C SER A 91 -24.07 3.37 15.68
N GLU A 92 -25.23 3.93 15.98
CA GLU A 92 -25.86 3.80 17.28
C GLU A 92 -27.00 2.78 17.28
N SER A 93 -27.10 1.98 16.23
CA SER A 93 -28.18 1.00 16.14
C SER A 93 -28.11 0.04 17.31
N PRO A 94 -29.20 -0.18 18.05
CA PRO A 94 -29.20 -1.20 19.11
C PRO A 94 -29.36 -2.63 18.61
N PHE A 95 -29.37 -2.84 17.29
CA PHE A 95 -29.69 -4.13 16.70
C PHE A 95 -28.50 -4.80 16.03
N ILE A 96 -27.31 -4.35 16.36
CA ILE A 96 -26.07 -5.02 15.94
C ILE A 96 -25.70 -6.02 17.03
N SER A 97 -25.27 -7.21 16.62
CA SER A 97 -24.86 -8.21 17.60
C SER A 97 -23.95 -7.60 18.65
N LYS A 98 -24.24 -7.89 19.91
CA LYS A 98 -23.56 -7.21 21.01
C LYS A 98 -22.10 -7.62 21.13
N GLU A 99 -21.68 -8.73 20.52
CA GLU A 99 -20.29 -9.13 20.63
C GLU A 99 -19.39 -8.40 19.65
N LEU A 100 -19.95 -7.60 18.74
CA LEU A 100 -19.16 -6.93 17.73
C LEU A 100 -18.72 -5.55 18.20
N GLY A 101 -17.56 -5.13 17.71
CA GLY A 101 -16.97 -3.88 18.13
C GLY A 101 -17.02 -2.79 17.08
N THR A 102 -16.06 -1.87 17.16
CA THR A 102 -16.18 -0.61 16.43
C THR A 102 -16.01 -0.75 14.93
N ARG A 103 -15.25 -1.75 14.48
CA ARG A 103 -15.13 -2.00 13.05
C ARG A 103 -16.50 -2.24 12.42
N HIS A 104 -17.29 -3.12 13.03
CA HIS A 104 -18.61 -3.43 12.50
C HIS A 104 -19.57 -2.26 12.70
N ARG A 105 -19.44 -1.54 13.82
CA ARG A 105 -20.32 -0.39 14.02
C ARG A 105 -20.00 0.72 13.03
N ALA A 106 -18.73 0.89 12.66
CA ALA A 106 -18.36 1.87 11.65
C ALA A 106 -18.93 1.48 10.29
N ALA A 107 -18.86 0.19 9.93
CA ALA A 107 -19.42 -0.25 8.66
C ALA A 107 -20.92 -0.02 8.61
N VAL A 108 -21.64 -0.43 9.66
CA VAL A 108 -23.08 -0.18 9.69
C VAL A 108 -23.35 1.32 9.64
N GLY A 109 -22.53 2.11 10.35
CA GLY A 109 -22.76 3.54 10.39
C GLY A 109 -22.70 4.20 9.03
N ILE A 110 -21.67 3.91 8.25
CA ILE A 110 -21.60 4.49 6.91
C ILE A 110 -22.74 3.96 6.05
N SER A 111 -23.16 2.72 6.26
CA SER A 111 -24.25 2.15 5.47
C SER A 111 -25.61 2.77 5.79
N GLU A 112 -25.72 3.51 6.90
CA GLU A 112 -26.97 4.14 7.28
C GLU A 112 -27.18 5.46 6.54
N VAL A 113 -26.12 6.06 6.02
CA VAL A 113 -26.19 7.40 5.44
C VAL A 113 -25.65 7.41 4.01
N THR A 114 -25.37 6.24 3.46
CA THR A 114 -24.94 6.13 2.08
C THR A 114 -25.52 4.84 1.51
N ASP A 115 -25.44 4.71 0.17
CA ASP A 115 -25.76 3.44 -0.48
C ASP A 115 -24.53 2.56 -0.68
N SER A 116 -23.46 2.81 0.06
CA SER A 116 -22.22 2.06 -0.16
C SER A 116 -22.37 0.63 0.34
N LEU A 117 -21.44 -0.21 -0.08
CA LEU A 117 -21.30 -1.57 0.41
C LEU A 117 -19.98 -1.66 1.16
N THR A 118 -20.03 -2.13 2.40
CA THR A 118 -18.82 -2.25 3.21
C THR A 118 -18.61 -3.71 3.59
N ILE A 119 -17.37 -4.18 3.42
CA ILE A 119 -16.96 -5.52 3.84
C ILE A 119 -16.16 -5.40 5.12
N ILE A 120 -16.43 -6.30 6.06
CA ILE A 120 -15.71 -6.32 7.33
C ILE A 120 -15.15 -7.72 7.54
N VAL A 121 -13.89 -7.81 7.96
CA VAL A 121 -13.31 -9.04 8.46
C VAL A 121 -13.08 -8.87 9.95
N SER A 122 -13.56 -9.82 10.74
CA SER A 122 -13.42 -9.76 12.18
C SER A 122 -12.03 -10.21 12.60
N GLU A 123 -11.38 -9.42 13.45
CA GLU A 123 -10.10 -9.84 14.01
C GLU A 123 -10.27 -10.90 15.09
N GLU A 124 -11.48 -11.07 15.61
CA GLU A 124 -11.71 -12.09 16.64
C GLU A 124 -11.93 -13.47 16.03
N THR A 125 -12.67 -13.55 14.93
CA THR A 125 -13.06 -14.83 14.38
C THR A 125 -12.65 -15.05 12.94
N GLY A 126 -12.22 -14.01 12.22
CA GLY A 126 -12.07 -14.13 10.80
C GLY A 126 -13.37 -14.18 10.02
N GLY A 127 -14.50 -14.01 10.69
CA GLY A 127 -15.76 -13.98 9.99
C GLY A 127 -15.87 -12.77 9.07
N VAL A 128 -16.53 -12.97 7.94
CA VAL A 128 -16.72 -11.95 6.93
C VAL A 128 -18.16 -11.48 6.96
N SER A 129 -18.37 -10.17 6.95
CA SER A 129 -19.71 -9.60 6.95
C SER A 129 -19.76 -8.42 5.99
N VAL A 130 -20.98 -8.01 5.65
CA VAL A 130 -21.20 -6.90 4.74
C VAL A 130 -22.27 -6.01 5.35
N ALA A 131 -22.03 -4.70 5.33
CA ALA A 131 -23.00 -3.72 5.78
C ALA A 131 -23.56 -2.97 4.58
N LYS A 132 -24.88 -2.86 4.54
CA LYS A 132 -25.59 -2.15 3.50
C LYS A 132 -26.95 -1.74 4.04
N ASN A 133 -27.34 -0.51 3.76
CA ASN A 133 -28.67 -0.02 4.10
C ASN A 133 -28.95 -0.05 5.61
N GLY A 134 -27.92 -0.04 6.44
CA GLY A 134 -28.10 -0.08 7.87
C GLY A 134 -28.15 -1.46 8.48
N ASP A 135 -28.00 -2.51 7.67
CA ASP A 135 -28.01 -3.87 8.17
C ASP A 135 -26.66 -4.53 7.95
N LEU A 136 -26.34 -5.46 8.85
CA LEU A 136 -25.11 -6.24 8.79
C LEU A 136 -25.47 -7.68 8.48
N HIS A 137 -24.87 -8.21 7.42
CA HIS A 137 -25.07 -9.58 6.98
C HIS A 137 -23.82 -10.37 7.36
N ARG A 138 -23.97 -11.28 8.30
CA ARG A 138 -22.84 -11.87 8.99
C ARG A 138 -22.52 -13.26 8.47
N GLU A 139 -21.30 -13.70 8.79
CA GLU A 139 -20.85 -15.08 8.59
C GLU A 139 -21.07 -15.53 7.16
N LEU A 140 -20.54 -14.74 6.24
CA LEU A 140 -20.71 -15.00 4.82
C LEU A 140 -19.70 -16.03 4.34
N THR A 141 -20.16 -16.90 3.45
CA THR A 141 -19.24 -17.75 2.69
C THR A 141 -18.59 -16.92 1.60
N GLU A 142 -17.57 -17.50 0.96
CA GLU A 142 -16.96 -16.86 -0.20
C GLU A 142 -17.99 -16.64 -1.30
N GLU A 143 -18.81 -17.66 -1.58
CA GLU A 143 -19.82 -17.53 -2.63
C GLU A 143 -20.81 -16.42 -2.31
N ALA A 144 -21.18 -16.29 -1.03
CA ALA A 144 -22.15 -15.26 -0.65
C ALA A 144 -21.58 -13.86 -0.84
N LEU A 145 -20.32 -13.64 -0.46
CA LEU A 145 -19.72 -12.33 -0.66
C LEU A 145 -19.61 -12.00 -2.14
N LYS A 146 -19.19 -12.96 -2.96
CA LYS A 146 -19.12 -12.74 -4.40
C LYS A 146 -20.48 -12.35 -4.95
N GLU A 147 -21.54 -13.06 -4.52
CA GLU A 147 -22.87 -12.75 -5.03
C GLU A 147 -23.27 -11.33 -4.67
N MET A 148 -22.90 -10.88 -3.47
CA MET A 148 -23.22 -9.52 -3.05
C MET A 148 -22.47 -8.50 -3.88
N LEU A 149 -21.18 -8.74 -4.14
CA LEU A 149 -20.41 -7.82 -4.97
C LEU A 149 -20.95 -7.79 -6.39
N GLU A 150 -21.33 -8.94 -6.93
CA GLU A 150 -21.87 -8.97 -8.29
C GLU A 150 -23.24 -8.30 -8.36
N ALA A 151 -24.06 -8.47 -7.32
CA ALA A 151 -25.35 -7.79 -7.30
C ALA A 151 -25.17 -6.29 -7.20
N GLU A 152 -24.20 -5.84 -6.42
CA GLU A 152 -23.98 -4.42 -6.21
C GLU A 152 -23.58 -3.75 -7.52
N PRO B 2 8.11 29.28 -3.96
CA PRO B 2 8.24 27.94 -4.53
C PRO B 2 7.06 27.59 -5.43
N THR B 3 7.31 26.93 -6.55
CA THR B 3 6.23 26.54 -7.43
C THR B 3 5.55 25.28 -6.90
N PRO B 4 4.34 24.97 -7.40
CA PRO B 4 3.71 23.69 -7.02
C PRO B 4 4.59 22.48 -7.27
N VAL B 5 5.32 22.47 -8.39
CA VAL B 5 6.23 21.36 -8.67
C VAL B 5 7.27 21.25 -7.56
N GLU B 6 7.83 22.38 -7.14
CA GLU B 6 8.87 22.35 -6.11
C GLU B 6 8.30 21.94 -4.77
N GLU B 7 7.08 22.40 -4.45
CA GLU B 7 6.46 21.98 -3.19
C GLU B 7 6.13 20.50 -3.22
N ALA B 8 5.67 19.98 -4.36
CA ALA B 8 5.39 18.55 -4.46
C ALA B 8 6.66 17.74 -4.28
N GLN B 9 7.77 18.19 -4.87
CA GLN B 9 9.03 17.48 -4.67
C GLN B 9 9.42 17.44 -3.20
N GLN B 10 9.24 18.55 -2.49
CA GLN B 10 9.59 18.59 -1.08
C GLN B 10 8.74 17.63 -0.27
N LYS B 11 7.44 17.57 -0.59
CA LYS B 11 6.55 16.64 0.11
C LYS B 11 6.97 15.20 -0.14
N THR B 12 7.36 14.89 -1.38
CA THR B 12 7.79 13.53 -1.71
C THR B 12 9.09 13.16 -1.00
N ILE B 13 10.03 14.10 -0.94
CA ILE B 13 11.28 13.86 -0.23
C ILE B 13 11.02 13.63 1.25
N GLU B 14 10.10 14.42 1.82
CA GLU B 14 9.76 14.25 3.24
C GLU B 14 9.12 12.89 3.49
N ALA B 15 8.24 12.45 2.57
CA ALA B 15 7.60 11.15 2.72
C ALA B 15 8.63 10.02 2.65
N ILE B 16 9.55 10.11 1.69
CA ILE B 16 10.58 9.09 1.54
C ILE B 16 11.47 9.03 2.77
N THR B 17 11.97 10.18 3.22
CA THR B 17 12.90 10.18 4.34
C THR B 17 12.24 9.67 5.62
N LYS B 18 10.98 10.05 5.85
CA LYS B 18 10.28 9.56 7.04
C LYS B 18 10.13 8.05 6.98
N ALA B 19 9.80 7.51 5.81
CA ALA B 19 9.64 6.07 5.67
C ALA B 19 10.97 5.35 5.86
N ILE B 20 12.03 5.85 5.21
CA ILE B 20 13.34 5.20 5.34
C ILE B 20 13.81 5.23 6.78
N ASN B 21 13.66 6.37 7.46
CA ASN B 21 14.09 6.46 8.86
C ASN B 21 13.34 5.46 9.72
N TYR B 22 12.03 5.31 9.50
CA TYR B 22 11.21 4.36 10.25
C TYR B 22 11.70 2.93 10.03
N MET B 23 11.92 2.57 8.77
CA MET B 23 12.33 1.19 8.47
C MET B 23 13.76 0.92 8.96
N ALA B 24 14.64 1.91 8.87
CA ALA B 24 16.00 1.72 9.36
C ALA B 24 16.01 1.40 10.84
N LYS B 25 15.20 2.13 11.63
CA LYS B 25 15.18 1.91 13.06
C LYS B 25 14.69 0.51 13.42
N ARG B 26 13.82 -0.06 12.58
CA ARG B 26 13.19 -1.35 12.85
C ARG B 26 13.83 -2.47 12.05
N ARG B 27 14.92 -2.19 11.32
CA ARG B 27 15.59 -3.20 10.51
C ARG B 27 14.63 -3.84 9.52
N ILE B 28 13.76 -3.02 8.93
CA ILE B 28 12.86 -3.43 7.86
C ILE B 28 13.61 -3.25 6.55
N GLY B 29 13.97 -4.35 5.91
CA GLY B 29 14.67 -4.26 4.63
C GLY B 29 13.80 -3.58 3.59
N ALA B 30 14.43 -2.75 2.76
CA ALA B 30 13.69 -1.99 1.76
C ALA B 30 14.59 -1.69 0.57
N LEU B 31 13.94 -1.54 -0.59
CA LEU B 31 14.63 -1.31 -1.85
C LEU B 31 13.73 -0.37 -2.64
N LEU B 32 14.17 0.87 -2.80
CA LEU B 32 13.31 1.93 -3.34
C LEU B 32 14.09 2.66 -4.43
N THR B 33 13.65 2.52 -5.67
CA THR B 33 14.32 3.14 -6.82
C THR B 33 13.49 4.31 -7.32
N ILE B 34 14.15 5.45 -7.48
CA ILE B 34 13.52 6.67 -7.97
C ILE B 34 13.93 6.86 -9.41
N GLU B 35 12.98 6.72 -10.33
CA GLU B 35 13.27 6.94 -11.74
C GLU B 35 13.67 8.39 -11.97
N ARG B 36 14.65 8.60 -12.84
CA ARG B 36 15.07 9.95 -13.21
C ARG B 36 14.81 10.11 -14.70
N ASP B 37 15.84 10.41 -15.49
CA ASP B 37 15.60 10.69 -16.91
C ASP B 37 15.60 9.44 -17.77
N THR B 38 16.25 8.36 -17.35
CA THR B 38 16.19 7.11 -18.07
C THR B 38 14.92 6.36 -17.65
N GLY B 39 14.03 6.13 -18.60
CA GLY B 39 12.77 5.48 -18.28
C GLY B 39 12.98 4.05 -17.83
N MET B 40 12.16 3.64 -16.85
CA MET B 40 12.30 2.32 -16.22
C MET B 40 11.06 1.47 -16.44
N GLY B 41 10.33 1.74 -17.52
CA GLY B 41 9.10 1.01 -17.77
C GLY B 41 9.28 -0.50 -17.78
N ASP B 42 10.38 -0.97 -18.36
CA ASP B 42 10.59 -2.42 -18.45
C ASP B 42 10.61 -3.05 -17.06
N TYR B 43 11.17 -2.35 -16.08
CA TYR B 43 11.26 -2.89 -14.73
C TYR B 43 9.97 -2.65 -13.96
N ILE B 44 9.32 -1.50 -14.18
CA ILE B 44 8.03 -1.23 -13.55
C ILE B 44 7.03 -2.32 -13.90
N GLU B 45 7.05 -2.77 -15.16
CA GLU B 45 6.07 -3.73 -15.66
C GLU B 45 6.26 -5.13 -15.08
N THR B 46 7.40 -5.41 -14.43
CA THR B 46 7.59 -6.71 -13.78
C THR B 46 6.92 -6.80 -12.42
N GLY B 47 6.49 -5.67 -11.84
CA GLY B 47 5.95 -5.63 -10.51
C GLY B 47 4.43 -5.61 -10.48
N ILE B 48 3.90 -5.35 -9.30
CA ILE B 48 2.47 -5.17 -9.10
C ILE B 48 2.15 -3.69 -9.30
N PRO B 49 1.28 -3.33 -10.24
CA PRO B 49 1.02 -1.90 -10.48
C PRO B 49 0.30 -1.28 -9.29
N LEU B 50 0.78 -0.11 -8.87
CA LEU B 50 0.08 0.69 -7.87
C LEU B 50 -0.35 2.05 -8.41
N ASN B 51 0.55 2.77 -9.08
CA ASN B 51 0.27 4.13 -9.55
C ASN B 51 -0.37 4.96 -8.46
N ALA B 52 0.23 4.89 -7.27
CA ALA B 52 -0.36 5.47 -6.08
C ALA B 52 0.35 6.76 -5.69
N LYS B 53 -0.40 7.67 -5.08
CA LYS B 53 0.18 8.85 -4.46
C LYS B 53 1.17 8.42 -3.39
N VAL B 54 2.28 9.13 -3.29
CA VAL B 54 3.29 8.77 -2.30
C VAL B 54 2.81 9.19 -0.92
N SER B 55 3.10 8.34 0.07
CA SER B 55 3.00 8.73 1.48
C SER B 55 4.03 7.90 2.22
N SER B 56 4.51 8.43 3.34
CA SER B 56 5.39 7.62 4.18
C SER B 56 4.67 6.35 4.63
N GLU B 57 3.37 6.47 4.92
CA GLU B 57 2.60 5.34 5.43
C GLU B 57 2.54 4.21 4.40
N LEU B 58 2.26 4.52 3.14
CA LEU B 58 2.20 3.48 2.12
C LEU B 58 3.57 2.85 1.90
N LEU B 59 4.62 3.66 1.84
CA LEU B 59 5.96 3.09 1.67
C LEU B 59 6.28 2.11 2.79
N ILE B 60 5.98 2.47 4.03
CA ILE B 60 6.23 1.57 5.16
C ILE B 60 5.40 0.30 5.02
N ASN B 61 4.10 0.45 4.76
CA ASN B 61 3.23 -0.72 4.66
C ASN B 61 3.70 -1.68 3.58
N ILE B 62 4.31 -1.17 2.50
CA ILE B 62 4.72 -2.02 1.40
C ILE B 62 5.81 -3.00 1.85
N PHE B 63 6.74 -2.54 2.68
CA PHE B 63 7.94 -3.31 2.97
C PHE B 63 7.83 -4.15 4.24
N ILE B 64 6.68 -4.17 4.90
CA ILE B 64 6.57 -5.00 6.11
C ILE B 64 6.93 -6.45 5.78
N PRO B 65 7.78 -7.10 6.57
CA PRO B 65 8.21 -8.46 6.22
C PRO B 65 7.04 -9.43 6.10
N ASN B 66 7.22 -10.41 5.21
CA ASN B 66 6.30 -11.53 5.01
C ASN B 66 4.92 -11.08 4.51
N THR B 67 4.88 -10.03 3.71
CA THR B 67 3.67 -9.54 3.08
C THR B 67 3.77 -9.67 1.57
N PRO B 68 2.65 -9.60 0.86
CA PRO B 68 2.70 -9.79 -0.60
C PRO B 68 3.64 -8.84 -1.32
N LEU B 69 3.80 -7.59 -0.85
CA LEU B 69 4.49 -6.58 -1.63
C LEU B 69 5.95 -6.37 -1.23
N HIS B 70 6.47 -7.07 -0.23
CA HIS B 70 7.72 -6.62 0.34
C HIS B 70 8.96 -7.09 -0.39
N ASP B 71 8.88 -8.11 -1.22
CA ASP B 71 10.05 -8.69 -1.85
C ASP B 71 10.16 -8.13 -3.25
N GLY B 72 11.28 -7.49 -3.55
CA GLY B 72 11.46 -6.76 -4.78
C GLY B 72 11.50 -5.27 -4.52
N ALA B 73 11.64 -4.53 -5.61
CA ALA B 73 11.85 -3.09 -5.53
C ALA B 73 10.53 -2.34 -5.69
N VAL B 74 10.40 -1.25 -4.96
CA VAL B 74 9.42 -0.22 -5.27
C VAL B 74 10.08 0.74 -6.24
N ILE B 75 9.39 1.07 -7.33
CA ILE B 75 9.89 2.05 -8.29
C ILE B 75 8.95 3.25 -8.26
N MET B 76 9.52 4.43 -8.03
CA MET B 76 8.78 5.67 -8.00
C MET B 76 9.01 6.45 -9.28
N LYS B 77 7.95 7.08 -9.77
CA LYS B 77 8.00 8.02 -10.88
C LYS B 77 7.49 9.35 -10.35
N ASN B 78 8.39 10.33 -10.23
CA ASN B 78 8.02 11.66 -9.75
C ASN B 78 7.34 11.54 -8.39
N ASN B 79 6.08 11.89 -8.26
CA ASN B 79 5.39 11.88 -6.98
C ASN B 79 4.48 10.68 -6.82
N GLU B 80 4.73 9.61 -7.57
CA GLU B 80 3.92 8.41 -7.48
C GLU B 80 4.76 7.18 -7.23
N ILE B 81 4.16 6.23 -6.52
CA ILE B 81 4.68 4.87 -6.42
C ILE B 81 4.11 4.11 -7.60
N ALA B 82 4.94 3.84 -8.61
CA ALA B 82 4.45 3.22 -9.83
C ALA B 82 4.11 1.75 -9.62
N ALA B 83 5.01 1.00 -8.99
CA ALA B 83 4.82 -0.43 -8.81
C ALA B 83 5.69 -0.89 -7.64
N ALA B 84 5.30 -2.03 -7.07
CA ALA B 84 6.05 -2.66 -6.01
C ALA B 84 6.39 -4.09 -6.42
N ALA B 85 7.31 -4.70 -5.68
CA ALA B 85 7.72 -6.09 -5.93
C ALA B 85 8.30 -6.24 -7.34
N CYS B 86 9.07 -5.24 -7.77
CA CYS B 86 9.64 -5.23 -9.10
C CYS B 86 10.98 -5.93 -9.14
N TYR B 87 11.28 -6.51 -10.30
CA TYR B 87 12.61 -7.06 -10.58
C TYR B 87 13.56 -5.95 -10.98
N LEU B 88 14.79 -6.04 -10.48
CA LEU B 88 15.91 -5.23 -10.94
C LEU B 88 17.06 -6.18 -11.25
N PRO B 89 17.94 -5.81 -12.19
CA PRO B 89 19.07 -6.69 -12.50
C PRO B 89 20.12 -6.65 -11.39
N LEU B 90 20.80 -7.77 -11.21
CA LEU B 90 21.82 -7.89 -10.17
C LEU B 90 23.18 -7.48 -10.70
N SER B 91 23.84 -6.57 -9.99
CA SER B 91 25.18 -6.17 -10.34
C SER B 91 26.18 -7.27 -10.00
N GLU B 92 27.24 -7.35 -10.83
CA GLU B 92 28.37 -8.23 -10.56
C GLU B 92 29.59 -7.43 -10.14
N SER B 93 29.38 -6.17 -9.74
CA SER B 93 30.49 -5.31 -9.38
C SER B 93 31.28 -5.89 -8.21
N PRO B 94 32.61 -5.89 -8.27
CA PRO B 94 33.41 -6.33 -7.12
C PRO B 94 33.45 -5.34 -5.98
N PHE B 95 32.90 -4.14 -6.14
CA PHE B 95 32.90 -3.11 -5.11
C PHE B 95 31.64 -3.10 -4.26
N ILE B 96 30.89 -4.20 -4.28
CA ILE B 96 29.77 -4.40 -3.36
C ILE B 96 30.30 -5.25 -2.21
N SER B 97 30.21 -4.73 -0.99
CA SER B 97 30.72 -5.46 0.17
C SER B 97 30.20 -6.89 0.17
N LYS B 98 31.09 -7.85 0.43
CA LYS B 98 30.74 -9.25 0.21
C LYS B 98 29.60 -9.70 1.12
N GLU B 99 29.45 -9.08 2.29
CA GLU B 99 28.41 -9.50 3.22
C GLU B 99 27.02 -9.07 2.78
N LEU B 100 26.89 -8.18 1.81
CA LEU B 100 25.59 -7.67 1.42
C LEU B 100 24.85 -8.66 0.52
N GLY B 101 23.53 -8.61 0.62
CA GLY B 101 22.66 -9.53 -0.08
C GLY B 101 22.05 -8.94 -1.33
N THR B 102 20.93 -9.53 -1.75
CA THR B 102 20.41 -9.28 -3.08
C THR B 102 19.84 -7.88 -3.23
N ARG B 103 19.27 -7.30 -2.17
CA ARG B 103 18.72 -5.96 -2.33
C ARG B 103 19.81 -4.98 -2.78
N HIS B 104 20.99 -5.06 -2.18
CA HIS B 104 22.06 -4.14 -2.55
C HIS B 104 22.59 -4.42 -3.94
N ARG B 105 22.69 -5.69 -4.32
CA ARG B 105 23.17 -6.02 -5.66
C ARG B 105 22.16 -5.62 -6.73
N ALA B 106 20.86 -5.73 -6.42
CA ALA B 106 19.84 -5.25 -7.34
C ALA B 106 19.91 -3.73 -7.50
N ALA B 107 20.13 -3.01 -6.40
CA ALA B 107 20.19 -1.56 -6.45
C ALA B 107 21.37 -1.09 -7.30
N VAL B 108 22.55 -1.65 -7.05
CA VAL B 108 23.69 -1.30 -7.89
C VAL B 108 23.42 -1.71 -9.34
N GLY B 109 22.77 -2.85 -9.53
CA GLY B 109 22.49 -3.32 -10.87
C GLY B 109 21.67 -2.35 -11.69
N ILE B 110 20.57 -1.85 -11.12
CA ILE B 110 19.76 -0.89 -11.86
C ILE B 110 20.52 0.42 -12.03
N SER B 111 21.37 0.78 -11.08
CA SER B 111 22.13 2.03 -11.18
C SER B 111 23.19 1.98 -12.27
N GLU B 112 23.53 0.79 -12.79
CA GLU B 112 24.52 0.67 -13.84
C GLU B 112 23.93 0.88 -15.23
N VAL B 113 22.60 0.82 -15.36
CA VAL B 113 21.93 0.91 -16.66
C VAL B 113 20.90 2.02 -16.68
N THR B 114 20.80 2.81 -15.61
CA THR B 114 19.93 3.97 -15.56
C THR B 114 20.62 5.06 -14.76
N ASP B 115 20.05 6.26 -14.82
CA ASP B 115 20.45 7.36 -13.95
C ASP B 115 19.59 7.44 -12.69
N SER B 116 18.93 6.35 -12.32
CA SER B 116 18.06 6.39 -11.15
C SER B 116 18.87 6.48 -9.87
N LEU B 117 18.17 6.83 -8.79
CA LEU B 117 18.74 6.81 -7.44
C LEU B 117 17.97 5.76 -6.66
N THR B 118 18.68 4.81 -6.07
CA THR B 118 18.06 3.72 -5.32
C THR B 118 18.53 3.80 -3.88
N ILE B 119 17.57 3.69 -2.96
CA ILE B 119 17.84 3.67 -1.52
C ILE B 119 17.64 2.24 -1.03
N ILE B 120 18.54 1.78 -0.18
CA ILE B 120 18.45 0.43 0.39
C ILE B 120 18.54 0.54 1.90
N VAL B 121 17.64 -0.15 2.61
CA VAL B 121 17.74 -0.34 4.05
C VAL B 121 18.13 -1.79 4.30
N SER B 122 19.19 -1.99 5.07
CA SER B 122 19.65 -3.34 5.39
C SER B 122 18.81 -3.93 6.51
N GLU B 123 18.27 -5.14 6.28
CA GLU B 123 17.56 -5.84 7.34
C GLU B 123 18.50 -6.43 8.38
N GLU B 124 19.80 -6.47 8.10
CA GLU B 124 20.78 -7.00 9.04
C GLU B 124 21.24 -5.95 10.03
N THR B 125 21.55 -4.74 9.55
CA THR B 125 22.14 -3.71 10.37
C THR B 125 21.26 -2.48 10.54
N GLY B 126 20.24 -2.31 9.72
CA GLY B 126 19.51 -1.06 9.65
C GLY B 126 20.22 0.05 8.92
N GLY B 127 21.41 -0.22 8.38
CA GLY B 127 22.12 0.81 7.65
C GLY B 127 21.43 1.19 6.36
N VAL B 128 21.56 2.46 6.00
CA VAL B 128 20.95 3.02 4.80
C VAL B 128 22.02 3.31 3.77
N SER B 129 21.80 2.87 2.54
CA SER B 129 22.75 3.09 1.46
C SER B 129 22.01 3.60 0.23
N VAL B 130 22.79 4.17 -0.70
CA VAL B 130 22.28 4.67 -1.96
C VAL B 130 23.15 4.14 -3.09
N ALA B 131 22.50 3.69 -4.17
CA ALA B 131 23.19 3.27 -5.38
C ALA B 131 22.88 4.28 -6.48
N LYS B 132 23.94 4.77 -7.13
CA LYS B 132 23.82 5.75 -8.20
C LYS B 132 25.03 5.57 -9.10
N ASN B 133 24.78 5.44 -10.40
CA ASN B 133 25.83 5.38 -11.41
C ASN B 133 26.84 4.27 -11.13
N GLY B 134 26.35 3.14 -10.64
CA GLY B 134 27.19 1.98 -10.43
C GLY B 134 27.94 1.97 -9.12
N ASP B 135 27.80 2.99 -8.29
CA ASP B 135 28.49 3.08 -7.02
C ASP B 135 27.51 2.93 -5.87
N LEU B 136 27.93 2.25 -4.81
CA LEU B 136 27.15 2.09 -3.60
C LEU B 136 27.79 2.92 -2.49
N HIS B 137 26.98 3.76 -1.84
CA HIS B 137 27.40 4.63 -0.75
C HIS B 137 26.67 4.19 0.50
N ARG B 138 27.42 3.74 1.50
CA ARG B 138 26.83 3.05 2.64
C ARG B 138 26.79 3.94 3.89
N GLU B 139 26.03 3.47 4.87
CA GLU B 139 26.01 4.00 6.24
C GLU B 139 25.70 5.49 6.26
N LEU B 140 24.67 5.87 5.51
CA LEU B 140 24.31 7.27 5.40
C LEU B 140 23.56 7.74 6.63
N THR B 141 23.88 8.94 7.09
CA THR B 141 23.09 9.59 8.12
C THR B 141 21.77 10.05 7.52
N GLU B 142 20.80 10.34 8.39
CA GLU B 142 19.55 10.89 7.87
C GLU B 142 19.80 12.17 7.09
N GLU B 143 20.68 13.03 7.60
CA GLU B 143 20.99 14.29 6.94
C GLU B 143 21.59 14.06 5.55
N ALA B 144 22.51 13.11 5.44
CA ALA B 144 23.14 12.85 4.14
C ALA B 144 22.13 12.34 3.13
N LEU B 145 21.22 11.46 3.55
CA LEU B 145 20.21 10.95 2.63
C LEU B 145 19.34 12.09 2.11
N LYS B 146 18.87 12.96 3.01
CA LYS B 146 17.98 14.03 2.59
C LYS B 146 18.69 14.98 1.63
N GLU B 147 19.96 15.29 1.92
CA GLU B 147 20.73 16.14 1.02
C GLU B 147 20.91 15.49 -0.35
N MET B 148 21.16 14.19 -0.38
CA MET B 148 21.27 13.51 -1.66
C MET B 148 19.97 13.57 -2.44
N LEU B 149 18.85 13.38 -1.75
CA LEU B 149 17.55 13.46 -2.42
C LEU B 149 17.28 14.88 -2.92
N GLU B 150 17.54 15.88 -2.09
CA GLU B 150 17.34 17.26 -2.51
C GLU B 150 18.19 17.60 -3.72
N ALA B 151 19.42 17.09 -3.78
CA ALA B 151 20.28 17.35 -4.92
C ALA B 151 19.80 16.63 -6.17
N GLU B 152 19.23 15.44 -6.01
CA GLU B 152 18.72 14.68 -7.15
C GLU B 152 17.54 15.38 -7.81
N PHE B 153 16.88 16.31 -7.11
CA PHE B 153 15.71 17.00 -7.67
C PHE B 153 15.98 18.47 -8.00
C10 UI4 C . 2.80 -10.34 8.34
C02 UI4 C . -1.63 -10.55 12.95
C03 UI4 C . -0.33 -10.10 13.12
C04 UI4 C . 0.56 -10.12 12.05
C05 UI4 C . 0.11 -10.60 10.83
C06 UI4 C . -1.19 -11.03 10.67
C07 UI4 C . -2.08 -10.99 11.72
C08 UI4 C . 0.86 -10.69 9.68
C09 UI4 C . 2.15 -10.19 9.57
C11 UI4 C . 2.12 -10.97 7.32
C12 UI4 C . 0.83 -11.44 7.52
N13 UI4 C . 0.25 -11.28 8.68
O01 UI4 C . -2.55 -10.51 14.00
MG MG D . 31.19 5.92 5.22
#